data_8VCL
#
_entry.id   8VCL
#
_cell.length_a   156.420
_cell.length_b   156.420
_cell.length_c   85.863
_cell.angle_alpha   90.000
_cell.angle_beta   90.000
_cell.angle_gamma   120.000
#
_symmetry.space_group_name_H-M   'P 6 2 2'
#
loop_
_entity.id
_entity.type
_entity.pdbx_description
1 polymer 'HLA class I histocompatibility antigen, A alpha chain'
2 polymer Beta-2-microglobulin
3 polymer 'Mutant PIK3CA peptide'
4 non-polymer 'FORMIC ACID'
5 non-polymer GLYCEROL
6 water water
#
loop_
_entity_poly.entity_id
_entity_poly.type
_entity_poly.pdbx_seq_one_letter_code
_entity_poly.pdbx_strand_id
1 'polypeptide(L)'
;GSHSMRYFFTSVSRPGRGEPRFIAVGYVDDTQFVRFDSDAASQRMEPRAPWIEQEGPEYWDQETRNVKAQSQTDRVDLGT
LRGYYNQSEAGSHTIQIMYGCDVGSDGRFLRGYRQDAYDGKDYIALNEDLRSWTAADMAAQITKRKWEAAHEAEQLRAYL
DGTCVEWLRRYLENGKETLQRTDPPKTHMTHHPISDHEATLRCWALGFYPAEITLTWQRDGEDQTQDTELVETRPAGDGT
FQKWAAVVVPSGEEQRYTCHVQHEGLPKPLTLRW
;
A
2 'polypeptide(L)'
;MIQRTPKIQVYSRHPAENGKSNFLNCYVSGFHPSDIEVDLLKNGERIEKVEHSDLSFSKDWSFYLLYYTEFTPTEKDEYA
CRVNHVTLSQPKIVKWDRDM
;
B
3 'polypeptide(L)' ALHGGWTTK C
#
loop_
_chem_comp.id
_chem_comp.type
_chem_comp.name
_chem_comp.formula
FMT non-polymer 'FORMIC ACID' 'C H2 O2'
GOL non-polymer GLYCEROL 'C3 H8 O3'
#
# COMPACT_ATOMS: atom_id res chain seq x y z
N GLY A 1 8.55 -19.62 -3.02
CA GLY A 1 7.90 -19.48 -1.73
C GLY A 1 6.41 -19.24 -1.83
N SER A 2 5.82 -18.69 -0.77
CA SER A 2 4.40 -18.40 -0.76
C SER A 2 4.09 -17.25 -1.72
N HIS A 3 2.84 -17.21 -2.18
CA HIS A 3 2.39 -16.15 -3.06
C HIS A 3 0.95 -15.79 -2.70
N SER A 4 0.54 -14.59 -3.11
CA SER A 4 -0.79 -14.10 -2.78
C SER A 4 -1.38 -13.38 -3.99
N MET A 5 -2.71 -13.39 -4.07
CA MET A 5 -3.45 -12.51 -4.95
C MET A 5 -4.51 -11.80 -4.13
N ARG A 6 -4.50 -10.47 -4.17
CA ARG A 6 -5.43 -9.68 -3.38
C ARG A 6 -6.02 -8.57 -4.24
N TYR A 7 -7.31 -8.28 -4.01
CA TYR A 7 -8.00 -7.17 -4.66
C TYR A 7 -8.40 -6.14 -3.61
N PHE A 8 -8.16 -4.87 -3.91
CA PHE A 8 -8.44 -3.76 -3.01
C PHE A 8 -9.45 -2.83 -3.65
N PHE A 9 -10.52 -2.51 -2.92
CA PHE A 9 -11.60 -1.66 -3.41
C PHE A 9 -11.80 -0.49 -2.47
N THR A 10 -12.04 0.69 -3.05
CA THR A 10 -12.31 1.90 -2.28
C THR A 10 -13.47 2.65 -2.94
N SER A 11 -14.53 2.91 -2.17
CA SER A 11 -15.67 3.68 -2.65
C SER A 11 -15.89 4.86 -1.71
N VAL A 12 -15.78 6.07 -2.24
CA VAL A 12 -15.89 7.29 -1.46
C VAL A 12 -17.10 8.08 -1.98
N SER A 13 -18.10 8.26 -1.11
CA SER A 13 -19.29 8.98 -1.51
C SER A 13 -18.96 10.46 -1.72
N ARG A 14 -19.51 11.04 -2.80
CA ARG A 14 -19.34 12.45 -3.13
C ARG A 14 -20.70 13.12 -2.99
N PRO A 15 -21.05 13.65 -1.82
CA PRO A 15 -22.39 14.20 -1.60
C PRO A 15 -22.61 15.44 -2.45
N GLY A 16 -23.64 15.38 -3.30
CA GLY A 16 -23.92 16.49 -4.20
C GLY A 16 -22.83 16.80 -5.20
N ARG A 17 -21.94 15.84 -5.47
CA ARG A 17 -20.91 16.05 -6.49
C ARG A 17 -20.80 14.88 -7.47
N GLY A 18 -21.84 14.09 -7.63
CA GLY A 18 -21.83 12.96 -8.55
C GLY A 18 -21.81 11.63 -7.83
N GLU A 19 -21.68 10.56 -8.62
CA GLU A 19 -21.63 9.22 -8.07
C GLU A 19 -20.31 9.01 -7.32
N PRO A 20 -20.28 8.07 -6.38
CA PRO A 20 -19.08 7.91 -5.55
C PRO A 20 -17.87 7.48 -6.36
N ARG A 21 -16.71 7.98 -5.94
CA ARG A 21 -15.45 7.62 -6.58
C ARG A 21 -15.08 6.19 -6.22
N PHE A 22 -14.81 5.37 -7.24
CA PHE A 22 -14.55 3.94 -7.06
C PHE A 22 -13.22 3.60 -7.71
N ILE A 23 -12.30 3.03 -6.92
CA ILE A 23 -10.97 2.65 -7.37
C ILE A 23 -10.71 1.21 -6.94
N ALA A 24 -10.33 0.37 -7.89
CA ALA A 24 -10.04 -1.04 -7.61
C ALA A 24 -8.65 -1.38 -8.12
N VAL A 25 -7.94 -2.20 -7.34
CA VAL A 25 -6.58 -2.61 -7.67
C VAL A 25 -6.41 -4.09 -7.39
N GLY A 26 -5.74 -4.79 -8.30
CA GLY A 26 -5.41 -6.20 -8.13
C GLY A 26 -3.90 -6.36 -7.96
N TYR A 27 -3.50 -7.20 -7.01
CA TYR A 27 -2.09 -7.47 -6.74
C TYR A 27 -1.82 -8.97 -6.81
N VAL A 28 -0.64 -9.32 -7.32
CA VAL A 28 -0.01 -10.61 -7.07
C VAL A 28 1.26 -10.31 -6.29
N ASP A 29 1.31 -10.78 -5.03
CA ASP A 29 2.38 -10.43 -4.10
C ASP A 29 2.35 -8.92 -3.95
N ASP A 30 3.45 -8.21 -4.20
CA ASP A 30 3.47 -6.75 -4.12
C ASP A 30 3.56 -6.11 -5.51
N THR A 31 2.94 -6.75 -6.50
CA THR A 31 3.00 -6.31 -7.90
C THR A 31 1.57 -6.07 -8.38
N GLN A 32 1.23 -4.81 -8.64
CA GLN A 32 -0.06 -4.50 -9.22
C GLN A 32 -0.14 -5.02 -10.65
N PHE A 33 -1.26 -5.64 -11.00
CA PHE A 33 -1.44 -6.12 -12.36
C PHE A 33 -2.72 -5.65 -13.04
N VAL A 34 -3.76 -5.27 -12.30
CA VAL A 34 -4.96 -4.69 -12.90
C VAL A 34 -5.38 -3.48 -12.08
N ARG A 35 -6.21 -2.63 -12.70
CA ARG A 35 -6.71 -1.46 -12.01
C ARG A 35 -8.01 -1.02 -12.67
N PHE A 36 -8.82 -0.29 -11.91
CA PHE A 36 -10.03 0.34 -12.42
C PHE A 36 -10.28 1.62 -11.65
N ASP A 37 -10.50 2.72 -12.36
CA ASP A 37 -10.82 4.00 -11.76
C ASP A 37 -12.08 4.54 -12.40
N SER A 38 -13.10 4.84 -11.57
CA SER A 38 -14.37 5.35 -12.09
C SER A 38 -14.21 6.70 -12.78
N ASP A 39 -13.18 7.48 -12.44
CA ASP A 39 -12.95 8.76 -13.08
C ASP A 39 -12.02 8.66 -14.30
N ALA A 40 -11.48 7.49 -14.60
CA ALA A 40 -10.63 7.35 -15.76
C ALA A 40 -11.48 7.29 -17.04
N ALA A 41 -10.78 7.41 -18.18
CA ALA A 41 -11.47 7.54 -19.47
C ALA A 41 -11.89 6.19 -20.04
N SER A 42 -11.16 5.12 -19.75
CA SER A 42 -11.43 3.84 -20.42
C SER A 42 -12.73 3.22 -19.93
N GLN A 43 -13.04 3.38 -18.65
CA GLN A 43 -14.19 2.72 -18.02
C GLN A 43 -14.10 1.21 -18.20
N ARG A 44 -12.88 0.68 -18.16
CA ARG A 44 -12.65 -0.75 -18.26
C ARG A 44 -11.54 -1.14 -17.30
N MET A 45 -11.54 -2.40 -16.89
CA MET A 45 -10.40 -2.93 -16.14
C MET A 45 -9.16 -2.88 -17.01
N GLU A 46 -8.09 -2.30 -16.48
CA GLU A 46 -6.92 -2.03 -17.29
C GLU A 46 -5.71 -2.83 -16.81
N PRO A 47 -4.85 -3.28 -17.72
CA PRO A 47 -3.64 -4.00 -17.30
C PRO A 47 -2.60 -3.06 -16.69
N ARG A 48 -1.85 -3.59 -15.72
CA ARG A 48 -0.77 -2.84 -15.10
C ARG A 48 0.50 -3.65 -14.91
N ALA A 49 0.53 -4.90 -15.37
CA ALA A 49 1.74 -5.70 -15.38
C ALA A 49 1.89 -6.32 -16.76
N PRO A 50 3.13 -6.60 -17.18
CA PRO A 50 3.32 -7.10 -18.55
C PRO A 50 2.67 -8.45 -18.81
N TRP A 51 2.70 -9.34 -17.83
CA TRP A 51 2.24 -10.72 -18.03
C TRP A 51 0.73 -10.87 -18.02
N ILE A 52 -0.02 -9.82 -17.68
CA ILE A 52 -1.47 -9.91 -17.75
C ILE A 52 -2.02 -9.45 -19.10
N GLU A 53 -1.20 -8.76 -19.90
CA GLU A 53 -1.69 -8.21 -21.16
C GLU A 53 -2.01 -9.29 -22.18
N GLN A 54 -1.46 -10.49 -22.03
CA GLN A 54 -1.77 -11.57 -22.96
C GLN A 54 -3.20 -12.10 -22.81
N GLU A 55 -3.91 -11.73 -21.75
CA GLU A 55 -5.29 -12.16 -21.61
C GLU A 55 -6.15 -11.52 -22.69
N GLY A 56 -7.13 -12.29 -23.18
CA GLY A 56 -7.90 -11.89 -24.32
C GLY A 56 -9.04 -10.96 -23.96
N PRO A 57 -9.78 -10.54 -24.98
CA PRO A 57 -10.90 -9.61 -24.75
C PRO A 57 -12.01 -10.18 -23.87
N GLU A 58 -12.21 -11.49 -23.87
CA GLU A 58 -13.22 -12.06 -22.98
C GLU A 58 -12.80 -11.95 -21.52
N TYR A 59 -11.50 -11.99 -21.24
CA TYR A 59 -11.03 -11.78 -19.87
C TYR A 59 -11.31 -10.35 -19.43
N TRP A 60 -10.99 -9.38 -20.29
CA TRP A 60 -11.15 -7.97 -19.92
C TRP A 60 -12.61 -7.54 -19.93
N ASP A 61 -13.47 -8.22 -20.68
CA ASP A 61 -14.89 -7.96 -20.58
C ASP A 61 -15.45 -8.48 -19.25
N GLN A 62 -15.00 -9.66 -18.82
CA GLN A 62 -15.49 -10.24 -17.58
C GLN A 62 -15.04 -9.43 -16.37
N GLU A 63 -13.76 -9.04 -16.34
CA GLU A 63 -13.25 -8.26 -15.21
C GLU A 63 -13.86 -6.87 -15.18
N THR A 64 -14.20 -6.31 -16.34
CA THR A 64 -14.85 -5.00 -16.36
C THR A 64 -16.26 -5.08 -15.79
N ARG A 65 -17.03 -6.08 -16.21
CA ARG A 65 -18.38 -6.21 -15.69
C ARG A 65 -18.38 -6.50 -14.20
N ASN A 66 -17.47 -7.35 -13.74
CA ASN A 66 -17.44 -7.71 -12.32
C ASN A 66 -16.97 -6.54 -11.46
N VAL A 67 -16.00 -5.76 -11.94
CA VAL A 67 -15.53 -4.63 -11.16
C VAL A 67 -16.58 -3.52 -11.11
N LYS A 68 -17.41 -3.42 -12.15
CA LYS A 68 -18.49 -2.42 -12.13
C LYS A 68 -19.64 -2.85 -11.23
N ALA A 69 -19.92 -4.14 -11.16
CA ALA A 69 -20.95 -4.63 -10.24
C ALA A 69 -20.52 -4.45 -8.80
N GLN A 70 -19.23 -4.64 -8.51
CA GLN A 70 -18.72 -4.32 -7.18
C GLN A 70 -18.88 -2.84 -6.87
N SER A 71 -18.73 -1.98 -7.87
CA SER A 71 -18.91 -0.54 -7.67
C SER A 71 -20.37 -0.22 -7.39
N GLN A 72 -21.29 -0.81 -8.14
CA GLN A 72 -22.71 -0.58 -7.90
C GLN A 72 -23.14 -1.14 -6.54
N THR A 73 -22.58 -2.28 -6.15
CA THR A 73 -22.88 -2.85 -4.85
C THR A 73 -22.42 -1.93 -3.72
N ASP A 74 -21.26 -1.28 -3.90
CA ASP A 74 -20.79 -0.35 -2.87
C ASP A 74 -21.63 0.91 -2.81
N ARG A 75 -22.24 1.31 -3.93
CA ARG A 75 -23.12 2.48 -3.93
C ARG A 75 -24.31 2.24 -3.02
N VAL A 76 -24.94 1.07 -3.14
CA VAL A 76 -26.05 0.73 -2.26
C VAL A 76 -25.60 0.70 -0.81
N ASP A 77 -24.43 0.09 -0.56
CA ASP A 77 -23.98 -0.11 0.82
C ASP A 77 -23.61 1.22 1.47
N LEU A 78 -23.13 2.19 0.69
CA LEU A 78 -22.85 3.52 1.24
C LEU A 78 -24.11 4.16 1.80
N GLY A 79 -25.23 4.06 1.08
CA GLY A 79 -26.48 4.59 1.58
C GLY A 79 -27.05 3.76 2.71
N THR A 80 -26.94 2.42 2.60
CA THR A 80 -27.46 1.55 3.65
C THR A 80 -26.72 1.75 4.96
N LEU A 81 -25.39 1.75 4.91
CA LEU A 81 -24.60 1.93 6.14
C LEU A 81 -24.79 3.32 6.72
N ARG A 82 -25.02 4.32 5.87
CA ARG A 82 -25.32 5.65 6.36
C ARG A 82 -26.58 5.65 7.23
N GLY A 83 -27.53 4.77 6.93
CA GLY A 83 -28.73 4.61 7.73
C GLY A 83 -28.48 3.82 8.99
N TYR A 84 -27.61 2.80 8.92
CA TYR A 84 -27.28 2.01 10.11
C TYR A 84 -26.68 2.90 11.20
N TYR A 85 -25.77 3.79 10.82
CA TYR A 85 -25.05 4.62 11.77
C TYR A 85 -25.70 5.99 11.98
N ASN A 86 -26.92 6.19 11.47
CA ASN A 86 -27.71 7.40 11.73
C ASN A 86 -26.93 8.66 11.33
N GLN A 87 -26.42 8.65 10.10
CA GLN A 87 -25.61 9.75 9.59
C GLN A 87 -26.37 10.54 8.55
N SER A 88 -25.98 11.80 8.38
CA SER A 88 -26.59 12.68 7.42
C SER A 88 -26.14 12.33 6.00
N GLU A 89 -26.96 12.73 5.03
CA GLU A 89 -26.66 12.56 3.62
C GLU A 89 -25.61 13.56 3.12
N ALA A 90 -25.19 14.50 3.97
CA ALA A 90 -24.30 15.58 3.54
C ALA A 90 -22.82 15.21 3.63
N GLY A 91 -22.45 14.19 4.41
CA GLY A 91 -21.06 13.86 4.60
C GLY A 91 -20.52 12.85 3.61
N SER A 92 -19.21 12.90 3.39
CA SER A 92 -18.52 11.93 2.56
C SER A 92 -18.05 10.76 3.42
N HIS A 93 -18.35 9.54 2.96
CA HIS A 93 -18.00 8.34 3.69
C HIS A 93 -17.32 7.35 2.76
N THR A 94 -16.63 6.37 3.36
CA THR A 94 -15.77 5.45 2.63
C THR A 94 -16.08 4.02 2.99
N ILE A 95 -16.16 3.17 1.97
CA ILE A 95 -16.18 1.72 2.14
C ILE A 95 -14.93 1.16 1.48
N GLN A 96 -14.18 0.35 2.23
CA GLN A 96 -12.99 -0.31 1.74
C GLN A 96 -13.16 -1.81 1.88
N ILE A 97 -12.80 -2.54 0.83
CA ILE A 97 -12.92 -3.99 0.79
C ILE A 97 -11.59 -4.56 0.34
N MET A 98 -11.20 -5.68 0.95
CA MET A 98 -10.02 -6.44 0.51
C MET A 98 -10.35 -7.93 0.61
N TYR A 99 -10.05 -8.67 -0.45
CA TYR A 99 -10.14 -10.13 -0.38
C TYR A 99 -9.07 -10.75 -1.26
N GLY A 100 -8.85 -12.04 -1.07
CA GLY A 100 -7.84 -12.75 -1.83
C GLY A 100 -7.53 -14.09 -1.22
N CYS A 101 -6.44 -14.70 -1.70
CA CYS A 101 -6.04 -16.03 -1.28
C CYS A 101 -4.52 -16.16 -1.31
N ASP A 102 -4.00 -17.07 -0.48
CA ASP A 102 -2.58 -17.38 -0.45
C ASP A 102 -2.35 -18.82 -0.88
N VAL A 103 -1.22 -19.05 -1.55
CA VAL A 103 -0.80 -20.39 -1.94
C VAL A 103 0.67 -20.57 -1.57
N GLY A 104 1.07 -21.84 -1.41
CA GLY A 104 2.44 -22.17 -1.13
C GLY A 104 3.26 -22.28 -2.41
N SER A 105 4.53 -22.63 -2.22
CA SER A 105 5.42 -22.80 -3.37
C SER A 105 5.00 -23.97 -4.24
N ASP A 106 4.31 -24.96 -3.66
CA ASP A 106 3.75 -26.07 -4.43
C ASP A 106 2.41 -25.73 -5.07
N GLY A 107 1.90 -24.52 -4.85
CA GLY A 107 0.61 -24.12 -5.39
C GLY A 107 -0.59 -24.52 -4.57
N ARG A 108 -0.38 -25.11 -3.39
CA ARG A 108 -1.50 -25.56 -2.57
C ARG A 108 -2.14 -24.38 -1.83
N PHE A 109 -3.45 -24.47 -1.64
CA PHE A 109 -4.19 -23.44 -0.92
C PHE A 109 -3.71 -23.34 0.52
N LEU A 110 -3.41 -22.12 0.96
CA LEU A 110 -3.02 -21.85 2.34
C LEU A 110 -4.13 -21.16 3.13
N ARG A 111 -4.67 -20.06 2.61
CA ARG A 111 -5.74 -19.36 3.32
C ARG A 111 -6.44 -18.40 2.36
N GLY A 112 -7.68 -18.10 2.68
CA GLY A 112 -8.45 -17.07 1.98
C GLY A 112 -8.94 -16.04 2.97
N TYR A 113 -9.25 -14.85 2.49
CA TYR A 113 -9.65 -13.79 3.41
C TYR A 113 -10.57 -12.81 2.72
N ARG A 114 -11.39 -12.13 3.53
CA ARG A 114 -12.21 -11.01 3.08
C ARG A 114 -12.49 -10.13 4.28
N GLN A 115 -12.20 -8.83 4.15
CA GLN A 115 -12.43 -7.87 5.22
C GLN A 115 -13.01 -6.59 4.61
N ASP A 116 -14.04 -6.06 5.27
CA ASP A 116 -14.70 -4.83 4.85
C ASP A 116 -14.58 -3.78 5.94
N ALA A 117 -14.56 -2.51 5.54
CA ALA A 117 -14.43 -1.40 6.47
C ALA A 117 -15.39 -0.30 6.09
N TYR A 118 -15.66 0.58 7.06
CA TYR A 118 -16.47 1.76 6.83
C TYR A 118 -15.80 2.92 7.55
N ASP A 119 -15.52 4.00 6.80
CA ASP A 119 -14.81 5.17 7.30
C ASP A 119 -13.50 4.81 7.99
N GLY A 120 -12.76 3.82 7.47
CA GLY A 120 -11.47 3.48 8.03
C GLY A 120 -11.49 2.57 9.24
N LYS A 121 -12.63 2.03 9.62
CA LYS A 121 -12.75 1.16 10.77
C LYS A 121 -13.37 -0.18 10.36
N ASP A 122 -13.00 -1.24 11.08
CA ASP A 122 -13.54 -2.56 10.80
C ASP A 122 -15.06 -2.52 10.77
N TYR A 123 -15.64 -3.16 9.76
CA TYR A 123 -17.09 -3.32 9.66
C TYR A 123 -17.46 -4.79 9.84
N ILE A 124 -17.18 -5.64 8.85
CA ILE A 124 -17.42 -7.07 8.95
C ILE A 124 -16.25 -7.79 8.30
N ALA A 125 -15.97 -9.00 8.78
CA ALA A 125 -14.86 -9.79 8.27
C ALA A 125 -15.23 -11.26 8.24
N LEU A 126 -14.74 -11.95 7.22
CA LEU A 126 -14.88 -13.39 7.14
C LEU A 126 -13.81 -14.07 7.99
N ASN A 127 -14.21 -15.09 8.73
CA ASN A 127 -13.28 -15.82 9.57
C ASN A 127 -12.41 -16.74 8.72
N GLU A 128 -11.29 -17.19 9.31
CA GLU A 128 -10.37 -18.05 8.60
C GLU A 128 -11.03 -19.33 8.09
N ASP A 129 -11.99 -19.87 8.84
CA ASP A 129 -12.68 -21.09 8.41
C ASP A 129 -13.51 -20.89 7.15
N LEU A 130 -13.65 -19.64 6.67
CA LEU A 130 -14.41 -19.30 5.47
C LEU A 130 -15.88 -19.70 5.58
N ARG A 131 -16.39 -19.87 6.81
CA ARG A 131 -17.77 -20.26 7.02
C ARG A 131 -18.55 -19.32 7.92
N SER A 132 -17.90 -18.56 8.79
CA SER A 132 -18.57 -17.70 9.75
C SER A 132 -18.05 -16.27 9.63
N TRP A 133 -18.88 -15.32 10.04
CA TRP A 133 -18.57 -13.91 9.94
C TRP A 133 -18.33 -13.31 11.32
N THR A 134 -17.54 -12.24 11.36
CA THR A 134 -17.31 -11.47 12.58
C THR A 134 -17.63 -10.00 12.28
N ALA A 135 -18.67 -9.49 12.93
CA ALA A 135 -19.07 -8.09 12.81
C ALA A 135 -18.44 -7.27 13.92
N ALA A 136 -18.06 -6.04 13.60
CA ALA A 136 -17.35 -5.19 14.55
C ALA A 136 -18.26 -4.44 15.50
N ASP A 137 -19.53 -4.22 15.13
CA ASP A 137 -20.46 -3.52 16.00
C ASP A 137 -21.86 -4.08 15.74
N MET A 138 -22.84 -3.50 16.43
CA MET A 138 -24.21 -3.99 16.29
C MET A 138 -24.82 -3.58 14.96
N ALA A 139 -24.35 -2.49 14.36
CA ALA A 139 -24.81 -2.12 13.03
C ALA A 139 -24.35 -3.14 12.00
N ALA A 140 -23.06 -3.52 12.04
CA ALA A 140 -22.55 -4.52 11.11
C ALA A 140 -23.15 -5.90 11.35
N GLN A 141 -23.71 -6.14 12.53
CA GLN A 141 -24.38 -7.41 12.79
C GLN A 141 -25.63 -7.56 11.93
N ILE A 142 -26.27 -6.43 11.57
CA ILE A 142 -27.40 -6.48 10.65
C ILE A 142 -26.97 -7.04 9.31
N THR A 143 -25.83 -6.59 8.79
CA THR A 143 -25.29 -7.15 7.56
C THR A 143 -24.98 -8.64 7.73
N LYS A 144 -24.44 -9.02 8.89
CA LYS A 144 -24.07 -10.41 9.13
C LYS A 144 -25.28 -11.32 9.07
N ARG A 145 -26.41 -10.88 9.64
CA ARG A 145 -27.62 -11.68 9.55
C ARG A 145 -28.13 -11.76 8.11
N LYS A 146 -27.98 -10.68 7.35
CA LYS A 146 -28.41 -10.67 5.96
C LYS A 146 -27.54 -11.61 5.11
N TRP A 147 -26.25 -11.69 5.43
CA TRP A 147 -25.34 -12.56 4.69
C TRP A 147 -25.41 -14.01 5.16
N GLU A 148 -25.69 -14.24 6.44
CA GLU A 148 -25.90 -15.62 6.90
C GLU A 148 -27.14 -16.23 6.27
N ALA A 149 -28.20 -15.46 6.16
CA ALA A 149 -29.43 -15.99 5.55
C ALA A 149 -29.23 -16.26 4.07
N ALA A 150 -28.54 -15.36 3.36
CA ALA A 150 -28.28 -15.52 1.94
C ALA A 150 -27.19 -16.55 1.66
N HIS A 151 -26.55 -17.11 2.70
CA HIS A 151 -25.46 -18.07 2.55
C HIS A 151 -24.33 -17.49 1.69
N GLU A 152 -24.00 -16.23 1.93
CA GLU A 152 -22.94 -15.57 1.16
C GLU A 152 -21.58 -16.22 1.40
N ALA A 153 -21.34 -16.73 2.62
CA ALA A 153 -20.03 -17.32 2.92
C ALA A 153 -19.74 -18.52 2.03
N GLU A 154 -20.75 -19.35 1.75
CA GLU A 154 -20.52 -20.54 0.93
C GLU A 154 -20.13 -20.16 -0.49
N GLN A 155 -20.83 -19.18 -1.08
CA GLN A 155 -20.48 -18.76 -2.44
C GLN A 155 -19.13 -18.05 -2.46
N LEU A 156 -18.84 -17.26 -1.42
CA LEU A 156 -17.55 -16.58 -1.34
C LEU A 156 -16.42 -17.58 -1.12
N ARG A 157 -16.67 -18.61 -0.32
CA ARG A 157 -15.64 -19.63 -0.09
C ARG A 157 -15.25 -20.32 -1.40
N ALA A 158 -16.25 -20.65 -2.22
CA ALA A 158 -15.97 -21.34 -3.49
C ALA A 158 -15.01 -20.54 -4.37
N TYR A 159 -15.04 -19.21 -4.24
CA TYR A 159 -14.06 -18.38 -4.93
C TYR A 159 -12.73 -18.36 -4.19
N LEU A 160 -12.78 -18.15 -2.86
CA LEU A 160 -11.55 -17.87 -2.10
C LEU A 160 -10.62 -19.08 -2.05
N ASP A 161 -11.15 -20.29 -1.94
CA ASP A 161 -10.30 -21.47 -1.94
C ASP A 161 -10.38 -22.26 -3.24
N GLY A 162 -11.07 -21.73 -4.25
CA GLY A 162 -11.19 -22.43 -5.52
C GLY A 162 -10.76 -21.58 -6.69
N THR A 163 -11.65 -20.69 -7.14
CA THR A 163 -11.36 -19.88 -8.32
C THR A 163 -10.17 -18.95 -8.10
N CYS A 164 -10.08 -18.36 -6.89
CA CYS A 164 -8.97 -17.46 -6.59
C CYS A 164 -7.63 -18.18 -6.71
N VAL A 165 -7.55 -19.41 -6.18
CA VAL A 165 -6.33 -20.20 -6.29
C VAL A 165 -6.05 -20.56 -7.74
N GLU A 166 -7.10 -20.83 -8.52
CA GLU A 166 -6.91 -21.22 -9.92
C GLU A 166 -6.24 -20.12 -10.72
N TRP A 167 -6.75 -18.89 -10.63
CA TRP A 167 -6.18 -17.80 -11.41
C TRP A 167 -4.80 -17.41 -10.90
N LEU A 168 -4.61 -17.42 -9.57
CA LEU A 168 -3.29 -17.14 -9.02
C LEU A 168 -2.24 -18.09 -9.58
N ARG A 169 -2.58 -19.38 -9.69
CA ARG A 169 -1.66 -20.35 -10.30
C ARG A 169 -1.36 -19.97 -11.74
N ARG A 170 -2.37 -19.53 -12.49
CA ARG A 170 -2.14 -19.15 -13.88
C ARG A 170 -1.28 -17.89 -13.97
N TYR A 171 -1.55 -16.91 -13.12
CA TYR A 171 -0.75 -15.68 -13.13
C TYR A 171 0.70 -15.97 -12.76
N LEU A 172 0.94 -16.80 -11.73
CA LEU A 172 2.30 -17.14 -11.36
C LEU A 172 3.03 -17.84 -12.49
N GLU A 173 2.31 -18.61 -13.31
CA GLU A 173 2.93 -19.26 -14.45
C GLU A 173 3.15 -18.28 -15.59
N ASN A 174 2.16 -17.41 -15.87
CA ASN A 174 2.30 -16.45 -16.97
C ASN A 174 3.34 -15.38 -16.67
N GLY A 175 3.64 -15.12 -15.41
CA GLY A 175 4.64 -14.12 -15.05
C GLY A 175 5.81 -14.70 -14.29
N LYS A 176 6.16 -15.96 -14.57
CA LYS A 176 7.22 -16.63 -13.82
C LYS A 176 8.59 -15.99 -14.03
N GLU A 177 8.75 -15.16 -15.06
CA GLU A 177 10.01 -14.47 -15.27
C GLU A 177 10.16 -13.23 -14.40
N THR A 178 9.06 -12.70 -13.86
CA THR A 178 9.12 -11.48 -13.05
C THR A 178 8.48 -11.61 -11.67
N LEU A 179 7.65 -12.62 -11.42
CA LEU A 179 6.93 -12.76 -10.15
C LEU A 179 7.60 -13.71 -9.18
N GLN A 180 8.61 -14.47 -9.59
CA GLN A 180 9.26 -15.46 -8.74
C GLN A 180 10.70 -15.08 -8.41
N ARG A 181 10.98 -13.78 -8.26
CA ARG A 181 12.31 -13.30 -7.90
C ARG A 181 12.26 -12.56 -6.58
N THR A 182 13.24 -12.83 -5.72
CA THR A 182 13.41 -12.17 -4.45
C THR A 182 14.77 -11.48 -4.46
N ASP A 183 14.77 -10.13 -4.38
CA ASP A 183 16.01 -9.38 -4.41
C ASP A 183 16.48 -9.07 -2.99
N PRO A 184 17.70 -9.40 -2.63
CA PRO A 184 18.17 -9.14 -1.26
C PRO A 184 18.48 -7.67 -1.05
N PRO A 185 18.48 -7.20 0.19
CA PRO A 185 18.72 -5.78 0.45
C PRO A 185 20.20 -5.43 0.30
N LYS A 186 20.46 -4.33 -0.42
CA LYS A 186 21.77 -3.70 -0.35
C LYS A 186 21.82 -2.83 0.90
N THR A 187 22.88 -3.01 1.69
CA THR A 187 22.97 -2.36 2.99
C THR A 187 24.19 -1.44 3.05
N HIS A 188 24.04 -0.36 3.82
CA HIS A 188 25.13 0.54 4.13
C HIS A 188 24.70 1.42 5.29
N MET A 189 25.67 2.10 5.89
CA MET A 189 25.42 2.96 7.05
C MET A 189 25.99 4.35 6.79
N THR A 190 25.36 5.35 7.40
CA THR A 190 25.81 6.73 7.28
C THR A 190 25.95 7.35 8.65
N HIS A 191 26.77 8.40 8.71
CA HIS A 191 27.12 9.07 9.97
C HIS A 191 26.94 10.56 9.75
N HIS A 192 26.07 11.17 10.54
CA HIS A 192 25.74 12.60 10.41
C HIS A 192 25.87 13.29 11.77
N PRO A 193 26.95 14.03 12.00
CA PRO A 193 27.06 14.79 13.25
C PRO A 193 25.94 15.82 13.35
N ILE A 194 25.26 15.81 14.50
CA ILE A 194 24.29 16.86 14.81
C ILE A 194 24.88 17.96 15.67
N SER A 195 26.09 17.77 16.19
CA SER A 195 26.75 18.75 17.04
C SER A 195 28.22 18.34 17.17
N ASP A 196 28.92 18.95 18.12
CA ASP A 196 30.30 18.56 18.38
C ASP A 196 30.40 17.27 19.19
N HIS A 197 29.28 16.81 19.77
CA HIS A 197 29.31 15.73 20.75
C HIS A 197 28.33 14.61 20.46
N GLU A 198 27.41 14.77 19.51
CA GLU A 198 26.46 13.72 19.16
C GLU A 198 26.39 13.56 17.66
N ALA A 199 26.00 12.36 17.22
CA ALA A 199 25.92 12.05 15.80
C ALA A 199 24.76 11.11 15.53
N THR A 200 24.26 11.16 14.30
CA THR A 200 23.15 10.31 13.87
C THR A 200 23.71 9.19 13.00
N LEU A 201 23.65 7.97 13.51
CA LEU A 201 23.97 6.78 12.72
C LEU A 201 22.69 6.28 12.07
N ARG A 202 22.69 6.21 10.74
CA ARG A 202 21.53 5.75 9.98
C ARG A 202 21.88 4.47 9.23
N CYS A 203 21.06 3.45 9.41
CA CYS A 203 21.25 2.15 8.78
C CYS A 203 20.32 2.02 7.59
N TRP A 204 20.87 1.65 6.44
CA TRP A 204 20.14 1.65 5.17
C TRP A 204 19.92 0.25 4.64
N ALA A 205 18.82 0.10 3.88
CA ALA A 205 18.49 -1.16 3.21
C ALA A 205 17.76 -0.80 1.92
N LEU A 206 18.32 -1.17 0.78
CA LEU A 206 17.81 -0.73 -0.51
C LEU A 206 17.63 -1.90 -1.46
N GLY A 207 16.71 -1.72 -2.41
CA GLY A 207 16.51 -2.66 -3.49
C GLY A 207 16.07 -4.06 -3.08
N PHE A 208 15.33 -4.18 -1.99
CA PHE A 208 14.86 -5.48 -1.53
C PHE A 208 13.42 -5.72 -1.96
N TYR A 209 13.11 -6.97 -2.33
CA TYR A 209 11.80 -7.43 -2.74
C TYR A 209 11.71 -8.87 -2.25
N PRO A 210 10.64 -9.26 -1.55
CA PRO A 210 9.43 -8.50 -1.20
C PRO A 210 9.68 -7.40 -0.16
N ALA A 211 8.63 -6.70 0.24
CA ALA A 211 8.75 -5.51 1.08
C ALA A 211 9.00 -5.83 2.55
N GLU A 212 8.69 -7.04 2.99
CA GLU A 212 8.88 -7.40 4.39
C GLU A 212 10.35 -7.32 4.77
N ILE A 213 10.64 -6.65 5.89
CA ILE A 213 12.01 -6.45 6.35
C ILE A 213 11.98 -6.06 7.82
N THR A 214 13.12 -6.20 8.48
CA THR A 214 13.23 -5.88 9.91
C THR A 214 14.59 -5.23 10.16
N LEU A 215 14.58 -4.04 10.75
CA LEU A 215 15.79 -3.30 11.10
C LEU A 215 15.76 -2.99 12.59
N THR A 216 16.78 -3.44 13.31
CA THR A 216 16.87 -3.20 14.75
C THR A 216 18.26 -2.69 15.10
N TRP A 217 18.31 -1.72 16.01
CA TRP A 217 19.56 -1.14 16.48
C TRP A 217 19.86 -1.68 17.87
N GLN A 218 21.07 -2.23 18.04
CA GLN A 218 21.53 -2.74 19.31
C GLN A 218 22.66 -1.89 19.84
N ARG A 219 22.85 -1.92 21.16
CA ARG A 219 23.90 -1.15 21.83
C ARG A 219 24.44 -2.00 22.97
N ASP A 220 25.60 -2.61 22.75
CA ASP A 220 26.24 -3.50 23.72
C ASP A 220 25.31 -4.65 24.11
N GLY A 221 24.78 -5.32 23.09
CA GLY A 221 23.83 -6.41 23.34
C GLY A 221 22.40 -5.97 23.51
N GLU A 222 22.16 -4.98 24.37
CA GLU A 222 20.81 -4.47 24.56
C GLU A 222 20.27 -3.87 23.28
N ASP A 223 18.97 -4.05 23.05
CA ASP A 223 18.29 -3.47 21.89
C ASP A 223 17.63 -2.16 22.30
N GLN A 224 17.94 -1.10 21.55
CA GLN A 224 17.33 0.21 21.77
C GLN A 224 15.94 0.19 21.13
N THR A 225 14.98 -0.39 21.86
CA THR A 225 13.60 -0.41 21.38
C THR A 225 13.10 1.01 21.13
N GLN A 226 13.34 1.91 22.07
CA GLN A 226 13.16 3.33 21.87
C GLN A 226 14.51 3.94 21.50
N ASP A 227 14.59 5.28 21.55
CA ASP A 227 15.79 6.01 21.12
C ASP A 227 16.18 5.65 19.69
N THR A 228 15.20 5.23 18.89
CA THR A 228 15.45 4.72 17.54
C THR A 228 14.35 5.22 16.62
N GLU A 229 14.74 5.92 15.56
CA GLU A 229 13.79 6.42 14.57
C GLU A 229 13.73 5.43 13.41
N LEU A 230 12.54 4.89 13.16
CA LEU A 230 12.32 3.91 12.11
C LEU A 230 11.20 4.40 11.22
N VAL A 231 11.52 4.69 9.96
CA VAL A 231 10.53 5.13 8.96
C VAL A 231 9.82 3.91 8.36
N GLU A 232 8.68 4.15 7.73
CA GLU A 232 7.94 3.08 7.10
C GLU A 232 8.62 2.65 5.81
N THR A 233 8.50 1.35 5.50
CA THR A 233 8.99 0.83 4.23
C THR A 233 8.33 1.57 3.08
N ARG A 234 9.13 1.92 2.07
CA ARG A 234 8.64 2.74 0.98
C ARG A 234 9.01 2.12 -0.36
N PRO A 235 8.17 2.32 -1.39
CA PRO A 235 8.50 1.81 -2.72
C PRO A 235 9.48 2.72 -3.44
N ALA A 236 10.39 2.11 -4.18
CA ALA A 236 11.32 2.87 -5.01
C ALA A 236 10.73 3.29 -6.34
N GLY A 237 9.60 2.70 -6.75
CA GLY A 237 9.01 2.99 -8.04
C GLY A 237 9.46 2.08 -9.17
N ASP A 238 10.28 1.07 -8.87
CA ASP A 238 10.78 0.14 -9.88
C ASP A 238 10.45 -1.30 -9.56
N GLY A 239 9.73 -1.58 -8.47
CA GLY A 239 9.45 -2.92 -8.02
C GLY A 239 10.13 -3.28 -6.71
N THR A 240 11.14 -2.52 -6.30
CA THR A 240 11.87 -2.79 -5.07
C THR A 240 11.43 -1.81 -3.99
N PHE A 241 11.97 -2.00 -2.78
CA PHE A 241 11.55 -1.21 -1.63
C PHE A 241 12.77 -0.72 -0.87
N GLN A 242 12.55 0.29 -0.03
CA GLN A 242 13.61 0.90 0.77
C GLN A 242 13.12 1.09 2.20
N LYS A 243 14.07 1.16 3.13
CA LYS A 243 13.78 1.48 4.53
C LYS A 243 15.09 1.83 5.24
N TRP A 244 15.03 2.79 6.16
CA TRP A 244 16.17 3.12 6.99
C TRP A 244 15.75 3.27 8.44
N ALA A 245 16.74 3.15 9.33
CA ALA A 245 16.56 3.34 10.77
C ALA A 245 17.77 4.07 11.31
N ALA A 246 17.55 4.96 12.29
CA ALA A 246 18.60 5.82 12.79
C ALA A 246 18.56 5.89 14.31
N VAL A 247 19.73 6.15 14.90
CA VAL A 247 19.88 6.37 16.33
C VAL A 247 20.86 7.51 16.54
N VAL A 248 20.61 8.33 17.55
CA VAL A 248 21.49 9.42 17.93
C VAL A 248 22.44 8.90 19.00
N VAL A 249 23.72 8.81 18.67
CA VAL A 249 24.72 8.20 19.55
C VAL A 249 25.70 9.28 20.02
N PRO A 250 26.36 9.10 21.15
CA PRO A 250 27.40 10.06 21.56
C PRO A 250 28.63 9.92 20.68
N SER A 251 29.21 11.06 20.31
CA SER A 251 30.41 11.07 19.48
C SER A 251 31.56 10.36 20.18
N GLY A 252 32.16 9.41 19.49
CA GLY A 252 33.19 8.56 20.07
C GLY A 252 32.71 7.22 20.56
N GLU A 253 31.41 6.95 20.53
CA GLU A 253 30.86 5.68 20.98
C GLU A 253 30.14 4.93 19.87
N GLU A 254 30.38 5.29 18.60
CA GLU A 254 29.69 4.65 17.49
C GLU A 254 29.98 3.16 17.43
N GLN A 255 31.18 2.74 17.87
CA GLN A 255 31.57 1.34 17.82
C GLN A 255 30.76 0.46 18.77
N ARG A 256 30.00 1.05 19.70
CA ARG A 256 29.17 0.29 20.62
C ARG A 256 27.77 0.03 20.08
N TYR A 257 27.47 0.47 18.86
CA TYR A 257 26.14 0.31 18.28
C TYR A 257 26.21 -0.62 17.08
N THR A 258 25.13 -1.39 16.88
CA THR A 258 25.06 -2.36 15.81
C THR A 258 23.68 -2.35 15.18
N CYS A 259 23.64 -2.40 13.86
CA CYS A 259 22.41 -2.52 13.11
C CYS A 259 22.26 -3.96 12.60
N HIS A 260 21.02 -4.44 12.57
CA HIS A 260 20.74 -5.82 12.17
C HIS A 260 19.64 -5.82 11.11
N VAL A 261 19.88 -6.53 10.02
CA VAL A 261 18.97 -6.58 8.88
C VAL A 261 18.51 -8.00 8.69
N GLN A 262 17.19 -8.19 8.57
CA GLN A 262 16.59 -9.51 8.40
C GLN A 262 15.65 -9.49 7.21
N HIS A 263 16.02 -10.22 6.16
CA HIS A 263 15.22 -10.35 4.95
C HIS A 263 15.23 -11.81 4.52
N GLU A 264 14.24 -12.17 3.71
CA GLU A 264 14.13 -13.55 3.24
C GLU A 264 15.22 -13.89 2.22
N GLY A 265 15.68 -12.90 1.46
CA GLY A 265 16.75 -13.07 0.50
C GLY A 265 18.14 -13.04 1.09
N LEU A 266 18.26 -13.07 2.42
CA LEU A 266 19.56 -13.06 3.08
C LEU A 266 19.79 -14.40 3.74
N PRO A 267 20.90 -15.09 3.45
CA PRO A 267 21.15 -16.39 4.10
C PRO A 267 21.39 -16.27 5.59
N LYS A 268 21.90 -15.14 6.05
CA LYS A 268 22.14 -14.89 7.47
C LYS A 268 21.77 -13.44 7.79
N PRO A 269 21.36 -13.16 9.02
CA PRO A 269 21.07 -11.77 9.40
C PRO A 269 22.33 -10.92 9.35
N LEU A 270 22.29 -9.87 8.52
CA LEU A 270 23.43 -8.99 8.38
C LEU A 270 23.59 -8.12 9.62
N THR A 271 24.82 -8.02 10.12
CA THR A 271 25.16 -7.14 11.24
C THR A 271 26.15 -6.09 10.76
N LEU A 272 25.80 -4.82 10.97
CA LEU A 272 26.61 -3.71 10.51
C LEU A 272 27.06 -2.86 11.70
N ARG A 273 28.29 -2.37 11.63
CA ARG A 273 28.85 -1.48 12.65
C ARG A 273 29.65 -0.40 11.96
N TRP A 274 29.53 0.83 12.45
CA TRP A 274 30.21 1.97 11.84
C TRP A 274 31.72 1.84 11.94
N ILE B 2 -10.14 9.04 14.08
CA ILE B 2 -11.06 8.95 12.97
C ILE B 2 -10.38 9.45 11.69
N GLN B 3 -9.83 10.66 11.73
CA GLN B 3 -9.06 11.22 10.64
C GLN B 3 -7.57 11.13 10.99
N ARG B 4 -6.78 10.60 10.07
CA ARG B 4 -5.37 10.33 10.31
C ARG B 4 -4.52 11.19 9.39
N THR B 5 -3.53 11.86 9.94
CA THR B 5 -2.71 12.77 9.16
C THR B 5 -1.69 11.99 8.34
N PRO B 6 -1.37 12.47 7.13
CA PRO B 6 -0.46 11.74 6.26
C PRO B 6 0.98 11.75 6.77
N LYS B 7 1.69 10.68 6.46
CA LYS B 7 3.13 10.59 6.69
C LYS B 7 3.84 10.77 5.36
N ILE B 8 4.74 11.75 5.29
CA ILE B 8 5.35 12.18 4.03
C ILE B 8 6.81 11.77 4.03
N GLN B 9 7.25 11.19 2.92
CA GLN B 9 8.66 10.87 2.70
C GLN B 9 9.06 11.30 1.31
N VAL B 10 10.12 12.09 1.22
CA VAL B 10 10.65 12.57 -0.06
C VAL B 10 12.01 11.92 -0.25
N TYR B 11 12.21 11.30 -1.41
CA TYR B 11 13.41 10.50 -1.66
C TYR B 11 13.55 10.27 -3.15
N SER B 12 14.70 9.72 -3.52
CA SER B 12 15.02 9.39 -4.90
C SER B 12 15.00 7.87 -5.08
N ARG B 13 14.69 7.43 -6.30
CA ARG B 13 14.69 6.00 -6.59
C ARG B 13 16.09 5.41 -6.46
N HIS B 14 17.07 6.07 -7.07
CA HIS B 14 18.47 5.68 -7.04
C HIS B 14 19.29 6.72 -6.29
N PRO B 15 20.48 6.36 -5.81
CA PRO B 15 21.36 7.36 -5.20
C PRO B 15 21.59 8.54 -6.12
N ALA B 16 21.54 9.74 -5.54
CA ALA B 16 21.55 10.97 -6.34
C ALA B 16 22.92 11.21 -6.95
N GLU B 17 22.92 11.68 -8.20
CA GLU B 17 24.14 12.07 -8.90
C GLU B 17 23.77 13.16 -9.90
N ASN B 18 24.20 14.39 -9.62
CA ASN B 18 23.78 15.53 -10.42
C ASN B 18 24.22 15.38 -11.88
N GLY B 19 23.32 15.69 -12.80
CA GLY B 19 23.53 15.49 -14.21
C GLY B 19 23.01 14.18 -14.75
N LYS B 20 22.67 13.24 -13.87
CA LYS B 20 22.19 11.92 -14.26
C LYS B 20 20.72 11.80 -13.91
N SER B 21 19.91 11.39 -14.89
CA SER B 21 18.47 11.30 -14.69
C SER B 21 18.15 10.33 -13.55
N ASN B 22 17.22 10.74 -12.70
CA ASN B 22 16.77 9.92 -11.57
C ASN B 22 15.26 10.07 -11.47
N PHE B 23 14.69 9.60 -10.36
CA PHE B 23 13.26 9.71 -10.11
C PHE B 23 13.05 10.34 -8.74
N LEU B 24 12.19 11.36 -8.69
CA LEU B 24 11.85 12.04 -7.45
C LEU B 24 10.54 11.46 -6.93
N ASN B 25 10.57 10.90 -5.71
CA ASN B 25 9.43 10.24 -5.12
C ASN B 25 8.94 11.01 -3.90
N CYS B 26 7.62 11.11 -3.77
CA CYS B 26 6.97 11.56 -2.54
C CYS B 26 5.97 10.50 -2.14
N TYR B 27 6.30 9.75 -1.09
CA TYR B 27 5.46 8.67 -0.59
C TYR B 27 4.63 9.17 0.58
N VAL B 28 3.31 9.14 0.42
CA VAL B 28 2.38 9.59 1.45
C VAL B 28 1.57 8.39 1.91
N SER B 29 1.58 8.13 3.22
CA SER B 29 0.91 6.96 3.76
C SER B 29 0.26 7.28 5.10
N GLY B 30 -0.58 6.36 5.55
CA GLY B 30 -1.15 6.43 6.88
C GLY B 30 -2.24 7.45 7.07
N PHE B 31 -2.87 7.92 5.99
CA PHE B 31 -3.85 8.99 6.07
C PHE B 31 -5.25 8.48 5.80
N HIS B 32 -6.23 9.21 6.32
CA HIS B 32 -7.64 8.94 6.15
C HIS B 32 -8.39 10.24 6.46
N PRO B 33 -9.36 10.66 5.63
CA PRO B 33 -9.89 10.02 4.41
C PRO B 33 -8.93 10.08 3.23
N SER B 34 -9.39 9.61 2.06
CA SER B 34 -8.51 9.39 0.93
C SER B 34 -8.22 10.66 0.13
N ASP B 35 -9.11 11.65 0.18
CA ASP B 35 -8.90 12.87 -0.59
C ASP B 35 -7.65 13.60 -0.10
N ILE B 36 -6.69 13.78 -1.00
CA ILE B 36 -5.41 14.39 -0.64
C ILE B 36 -4.90 15.17 -1.85
N GLU B 37 -4.09 16.17 -1.58
CA GLU B 37 -3.46 16.99 -2.62
C GLU B 37 -1.95 16.92 -2.44
N VAL B 38 -1.27 16.36 -3.42
CA VAL B 38 0.18 16.21 -3.41
C VAL B 38 0.74 16.87 -4.67
N ASP B 39 1.72 17.74 -4.49
CA ASP B 39 2.40 18.40 -5.59
C ASP B 39 3.90 18.35 -5.35
N LEU B 40 4.67 18.03 -6.37
CA LEU B 40 6.12 18.08 -6.31
C LEU B 40 6.59 19.45 -6.77
N LEU B 41 7.52 20.04 -6.01
CA LEU B 41 7.95 21.41 -6.25
C LEU B 41 9.43 21.44 -6.61
N LYS B 42 9.77 22.25 -7.61
CA LYS B 42 11.15 22.52 -8.00
C LYS B 42 11.41 24.01 -7.83
N ASN B 43 12.31 24.35 -6.89
CA ASN B 43 12.61 25.73 -6.55
C ASN B 43 11.36 26.51 -6.15
N GLY B 44 10.36 25.81 -5.59
CA GLY B 44 9.14 26.42 -5.15
C GLY B 44 7.97 26.29 -6.10
N GLU B 45 8.23 26.02 -7.37
CA GLU B 45 7.17 25.96 -8.38
C GLU B 45 6.77 24.51 -8.65
N ARG B 46 5.48 24.31 -8.92
CA ARG B 46 4.92 22.98 -9.05
C ARG B 46 5.40 22.32 -10.35
N ILE B 47 6.00 21.13 -10.21
CA ILE B 47 6.35 20.34 -11.38
C ILE B 47 5.06 19.84 -12.04
N GLU B 48 4.94 20.09 -13.34
CA GLU B 48 3.66 19.89 -14.01
C GLU B 48 3.42 18.43 -14.38
N LYS B 49 4.45 17.72 -14.82
CA LYS B 49 4.32 16.33 -15.24
C LYS B 49 4.68 15.43 -14.07
N VAL B 50 3.68 15.09 -13.27
CA VAL B 50 3.86 14.22 -12.10
C VAL B 50 2.81 13.12 -12.16
N GLU B 51 3.27 11.87 -12.04
CA GLU B 51 2.38 10.73 -12.01
C GLU B 51 2.24 10.19 -10.60
N HIS B 52 1.14 9.50 -10.34
CA HIS B 52 0.90 8.92 -9.03
C HIS B 52 0.33 7.51 -9.20
N SER B 53 0.53 6.70 -8.17
CA SER B 53 0.03 5.33 -8.17
C SER B 53 -1.48 5.32 -7.94
N ASP B 54 -2.08 4.14 -8.11
CA ASP B 54 -3.49 3.96 -7.83
C ASP B 54 -3.71 3.80 -6.33
N LEU B 55 -4.77 4.42 -5.83
CA LEU B 55 -5.07 4.41 -4.41
C LEU B 55 -5.17 2.99 -3.87
N SER B 56 -4.47 2.74 -2.76
CA SER B 56 -4.55 1.48 -2.03
C SER B 56 -4.46 1.80 -0.54
N PHE B 57 -4.58 0.75 0.29
CA PHE B 57 -4.58 0.95 1.73
C PHE B 57 -3.87 -0.20 2.42
N SER B 58 -3.51 0.04 3.68
CA SER B 58 -2.77 -0.91 4.51
C SER B 58 -3.74 -1.73 5.36
N LYS B 59 -3.17 -2.56 6.25
CA LYS B 59 -3.98 -3.43 7.09
C LYS B 59 -4.88 -2.62 8.02
N ASP B 60 -4.39 -1.48 8.52
CA ASP B 60 -5.19 -0.62 9.39
C ASP B 60 -6.16 0.27 8.63
N TRP B 61 -6.35 0.01 7.33
CA TRP B 61 -7.24 0.71 6.41
C TRP B 61 -6.75 2.10 6.03
N SER B 62 -5.59 2.54 6.53
CA SER B 62 -5.06 3.83 6.14
C SER B 62 -4.50 3.77 4.72
N PHE B 63 -4.60 4.88 4.00
CA PHE B 63 -4.27 4.93 2.59
C PHE B 63 -2.80 5.26 2.37
N TYR B 64 -2.29 4.86 1.21
CA TYR B 64 -0.94 5.24 0.79
C TYR B 64 -0.94 5.52 -0.70
N LEU B 65 -0.12 6.49 -1.11
CA LEU B 65 0.03 6.89 -2.50
C LEU B 65 1.47 7.27 -2.76
N LEU B 66 1.93 7.00 -3.99
CA LEU B 66 3.27 7.36 -4.44
C LEU B 66 3.16 8.31 -5.62
N TYR B 67 3.62 9.54 -5.44
CA TYR B 67 3.76 10.51 -6.52
C TYR B 67 5.21 10.55 -6.98
N TYR B 68 5.42 10.60 -8.29
CA TYR B 68 6.76 10.51 -8.85
C TYR B 68 6.84 11.24 -10.17
N THR B 69 8.05 11.69 -10.51
CA THR B 69 8.33 12.33 -11.77
C THR B 69 9.81 12.16 -12.09
N GLU B 70 10.12 12.19 -13.39
CA GLU B 70 11.51 12.12 -13.83
C GLU B 70 12.17 13.46 -13.60
N PHE B 71 13.32 13.45 -12.93
CA PHE B 71 14.08 14.67 -12.73
C PHE B 71 15.57 14.39 -12.89
N THR B 72 16.28 15.37 -13.46
CA THR B 72 17.73 15.34 -13.51
C THR B 72 18.24 16.23 -12.37
N PRO B 73 18.66 15.66 -11.24
CA PRO B 73 18.96 16.49 -10.06
C PRO B 73 20.12 17.46 -10.32
N THR B 74 19.98 18.65 -9.76
CA THR B 74 21.03 19.67 -9.76
C THR B 74 21.24 20.13 -8.34
N GLU B 75 22.50 20.14 -7.89
CA GLU B 75 22.79 20.46 -6.49
C GLU B 75 22.41 21.89 -6.13
N LYS B 76 22.15 22.75 -7.11
CA LYS B 76 21.60 24.08 -6.85
C LYS B 76 20.08 24.09 -6.84
N ASP B 77 19.45 23.26 -7.66
CA ASP B 77 18.00 23.20 -7.70
C ASP B 77 17.45 22.59 -6.41
N GLU B 78 16.37 23.17 -5.90
CA GLU B 78 15.72 22.71 -4.68
C GLU B 78 14.44 21.98 -5.03
N TYR B 79 14.26 20.79 -4.46
CA TYR B 79 13.09 19.97 -4.69
C TYR B 79 12.38 19.69 -3.37
N ALA B 80 11.05 19.66 -3.41
CA ALA B 80 10.26 19.41 -2.21
C ALA B 80 8.92 18.82 -2.62
N CYS B 81 8.18 18.35 -1.62
CA CYS B 81 6.85 17.79 -1.80
C CYS B 81 5.87 18.59 -0.95
N ARG B 82 4.74 18.96 -1.54
CA ARG B 82 3.72 19.76 -0.87
C ARG B 82 2.44 18.94 -0.77
N VAL B 83 2.01 18.67 0.46
CA VAL B 83 0.87 17.81 0.73
C VAL B 83 -0.18 18.61 1.49
N ASN B 84 -1.42 18.57 1.00
CA ASN B 84 -2.55 19.19 1.67
C ASN B 84 -3.59 18.12 1.97
N HIS B 85 -4.15 18.17 3.18
CA HIS B 85 -5.09 17.17 3.66
C HIS B 85 -5.95 17.81 4.74
N VAL B 86 -7.14 17.24 4.96
CA VAL B 86 -8.07 17.84 5.92
C VAL B 86 -7.47 17.88 7.32
N THR B 87 -6.55 16.96 7.62
CA THR B 87 -5.90 16.96 8.94
C THR B 87 -4.87 18.07 9.08
N LEU B 88 -4.65 18.88 8.05
CA LEU B 88 -3.63 19.91 8.05
C LEU B 88 -4.30 21.27 7.90
N SER B 89 -3.94 22.21 8.79
CA SER B 89 -4.49 23.55 8.69
C SER B 89 -3.90 24.30 7.50
N GLN B 90 -2.62 24.08 7.22
CA GLN B 90 -1.93 24.65 6.07
C GLN B 90 -1.16 23.55 5.35
N PRO B 91 -0.95 23.68 4.05
CA PRO B 91 -0.20 22.65 3.31
C PRO B 91 1.19 22.47 3.88
N LYS B 92 1.60 21.20 4.04
CA LYS B 92 2.90 20.87 4.56
C LYS B 92 3.89 20.66 3.43
N ILE B 93 5.09 21.22 3.60
CA ILE B 93 6.17 21.10 2.62
C ILE B 93 7.31 20.31 3.25
N VAL B 94 7.67 19.20 2.62
CA VAL B 94 8.81 18.39 3.04
C VAL B 94 9.83 18.41 1.91
N LYS B 95 11.05 18.82 2.23
CA LYS B 95 12.08 18.99 1.22
C LYS B 95 12.96 17.75 1.12
N TRP B 96 13.50 17.53 -0.08
CA TRP B 96 14.34 16.37 -0.34
C TRP B 96 15.72 16.57 0.28
N ASP B 97 16.14 15.60 1.08
CA ASP B 97 17.48 15.57 1.67
C ASP B 97 18.19 14.32 1.19
N ARG B 98 19.48 14.46 0.88
CA ARG B 98 20.24 13.35 0.31
C ARG B 98 20.31 12.13 1.21
N ASP B 99 20.15 12.32 2.53
CA ASP B 99 20.15 11.20 3.48
C ASP B 99 18.81 11.05 4.19
N MET B 100 17.75 11.69 3.67
CA MET B 100 16.41 11.66 4.25
C MET B 100 16.40 11.84 5.76
N ALA C 1 -8.32 -13.59 -10.90
CA ALA C 1 -9.48 -12.89 -11.43
C ALA C 1 -10.44 -12.47 -10.32
N LEU C 2 -11.36 -11.58 -10.68
CA LEU C 2 -12.28 -10.97 -9.74
C LEU C 2 -13.42 -11.91 -9.40
N HIS C 3 -13.93 -11.78 -8.18
CA HIS C 3 -15.12 -12.52 -7.78
C HIS C 3 -16.37 -11.87 -8.36
N GLY C 4 -17.35 -12.71 -8.69
CA GLY C 4 -18.57 -12.22 -9.32
C GLY C 4 -19.83 -12.41 -8.49
N GLY C 5 -19.70 -12.35 -7.16
CA GLY C 5 -20.86 -12.49 -6.30
C GLY C 5 -21.03 -11.34 -5.34
N TRP C 6 -22.17 -10.65 -5.39
CA TRP C 6 -22.39 -9.44 -4.60
C TRP C 6 -23.72 -9.54 -3.88
N THR C 7 -23.66 -9.63 -2.55
CA THR C 7 -24.83 -9.49 -1.70
C THR C 7 -24.74 -8.15 -1.00
N THR C 8 -25.81 -7.36 -1.10
CA THR C 8 -25.81 -6.04 -0.49
C THR C 8 -25.65 -6.14 1.03
N LYS C 9 -25.08 -5.10 1.60
CA LYS C 9 -24.86 -5.03 3.05
C LYS C 9 -26.15 -4.65 3.78
C FMT D . 0.11 -5.96 -1.63
O1 FMT D . -0.07 -4.83 -1.18
O2 FMT D . -0.57 -6.95 -1.35
C FMT E . -1.97 -23.34 -13.93
O1 FMT E . -1.82 -22.77 -15.01
O2 FMT E . -1.06 -23.74 -13.20
C FMT F . 10.99 -7.43 -8.43
O1 FMT F . 10.15 -6.58 -8.74
O2 FMT F . 11.85 -7.30 -7.56
C1 GOL G . -17.91 3.67 12.44
O1 GOL G . -17.62 3.03 11.22
C2 GOL G . -19.16 4.58 12.23
O2 GOL G . -19.48 5.29 13.38
C3 GOL G . -18.84 5.48 11.00
O3 GOL G . -17.86 6.41 11.36
C FMT H . 3.72 1.23 -1.51
O1 FMT H . 3.97 0.31 -0.73
O2 FMT H . 3.67 1.13 -2.73
#